data_5GJD
#
_entry.id   5GJD
#
_cell.length_a   57.960
_cell.length_b   132.370
_cell.length_c   142.680
_cell.angle_alpha   90.000
_cell.angle_beta   90.000
_cell.angle_gamma   90.000
#
_symmetry.space_group_name_H-M   'I 2 2 2'
#
loop_
_entity.id
_entity.type
_entity.pdbx_description
1 polymer 'TAK1 kinase - TAB1 chimera fusion protein'
2 non-polymer 1-(4-((1H-pyrrolo[2,3-b]pyridin-4-yl)oxy)phenyl)-3-(5-(4-methylpiperazin-1-yl)naphthalen-2-yl)urea
3 water water
#
_entity_poly.entity_id   1
_entity_poly.type   'polypeptide(L)'
_entity_poly.pdbx_seq_one_letter_code
;GPLHMIDYKEIEVEEVVGRGAFGVVCKAKWRAKDVAIKQIESESERKAFIVELRQLSRVNHPNIVKLYGACLNPVCLVME
YAEGGSLYNVLHGAEPLPYYTAAHAMSWCLQCSQGVAYLHSMQPKALIHRDLKPPNLLLVAGGTVLKICDFGTACDIQTH
MTNNKGSAAWMAPEVFEGSNYSEKCDVFSWGIILWEVITRRKPFDEIGGPAFRIMWAVHNGTRPPLIKNLPKPIESLMTR
CWSKDPSQRPSMEEIVKIMTHLMRYFPGADEPLQYPCQHSLPPGEDGRVEPYVDFAEFYRLWSVDHGEQSVVTAP
;
_entity_poly.pdbx_strand_id   A
#
# COMPACT_ATOMS: atom_id res chain seq x y z
N GLY A 1 19.90 8.32 11.33
CA GLY A 1 18.82 9.15 11.96
C GLY A 1 18.64 8.87 13.44
N PRO A 2 17.76 9.65 14.11
CA PRO A 2 17.53 9.51 15.55
C PRO A 2 16.65 8.30 15.92
N LEU A 3 17.30 7.20 16.29
CA LEU A 3 16.65 5.96 16.69
C LEU A 3 16.82 5.77 18.20
N HIS A 4 15.71 5.75 18.94
CA HIS A 4 15.75 5.59 20.40
C HIS A 4 15.93 4.14 20.83
N MET A 5 16.88 3.89 21.73
CA MET A 5 16.91 2.64 22.51
C MET A 5 15.85 2.81 23.59
N ILE A 6 15.03 1.77 23.80
CA ILE A 6 13.82 1.87 24.64
C ILE A 6 13.88 0.86 25.79
N ASP A 7 13.33 1.27 26.95
CA ASP A 7 13.16 0.39 28.11
C ASP A 7 11.75 -0.23 28.07
N TYR A 8 11.68 -1.56 28.09
CA TYR A 8 10.41 -2.31 28.04
C TYR A 8 9.49 -2.06 29.26
N LYS A 9 10.09 -1.69 30.40
CA LYS A 9 9.32 -1.27 31.59
C LYS A 9 8.42 -0.07 31.30
N GLU A 10 8.87 0.85 30.47
CA GLU A 10 8.10 2.06 30.11
C GLU A 10 6.99 1.83 29.07
N ILE A 11 7.04 0.71 28.33
CA ILE A 11 5.98 0.35 27.37
C ILE A 11 4.83 -0.36 28.10
N GLU A 12 3.61 0.12 27.86
CA GLU A 12 2.38 -0.47 28.40
C GLU A 12 1.65 -1.27 27.32
N VAL A 13 2.04 -2.55 27.17
CA VAL A 13 1.48 -3.44 26.14
C VAL A 13 0.01 -3.73 26.43
N GLU A 14 -0.85 -3.50 25.43
CA GLU A 14 -2.30 -3.62 25.59
C GLU A 14 -2.88 -4.87 24.94
N GLU A 15 -2.71 -5.01 23.63
CA GLU A 15 -3.37 -6.06 22.86
C GLU A 15 -2.66 -6.39 21.56
N VAL A 16 -2.87 -7.61 21.07
CA VAL A 16 -2.35 -8.05 19.78
C VAL A 16 -3.19 -7.42 18.67
N VAL A 17 -2.51 -6.91 17.63
CA VAL A 17 -3.17 -6.36 16.44
C VAL A 17 -2.55 -7.02 15.21
N GLY A 18 -2.89 -8.29 15.00
CA GLY A 18 -2.35 -9.09 13.90
C GLY A 18 -0.87 -9.38 14.03
N ARG A 19 -0.28 -9.94 12.97
CA ARG A 19 1.15 -10.24 12.94
C ARG A 19 1.72 -10.36 11.52
N GLY A 20 3.05 -10.36 11.45
CA GLY A 20 3.78 -10.48 10.18
C GLY A 20 4.28 -11.89 9.91
N ALA A 21 5.30 -11.98 9.06
CA ALA A 21 5.97 -13.24 8.74
C ALA A 21 6.72 -13.78 9.95
N PHE A 22 7.50 -12.89 10.57
CA PHE A 22 8.09 -13.16 11.88
C PHE A 22 7.56 -12.12 12.88
N GLY A 23 7.55 -12.51 14.15
CA GLY A 23 7.10 -11.63 15.22
C GLY A 23 5.59 -11.48 15.33
N VAL A 24 5.18 -10.76 16.37
CA VAL A 24 3.77 -10.45 16.64
C VAL A 24 3.64 -8.96 16.92
N VAL A 25 2.73 -8.30 16.20
CA VAL A 25 2.52 -6.86 16.41
C VAL A 25 1.49 -6.69 17.53
N CYS A 26 1.75 -5.73 18.42
CA CYS A 26 0.85 -5.42 19.53
C CYS A 26 0.64 -3.91 19.64
N LYS A 27 -0.56 -3.50 20.01
CA LYS A 27 -0.83 -2.11 20.34
C LYS A 27 -0.31 -1.87 21.75
N ALA A 28 0.20 -0.68 22.00
CA ALA A 28 0.74 -0.32 23.30
C ALA A 28 0.74 1.20 23.49
N LYS A 29 1.29 1.63 24.62
CA LYS A 29 1.51 3.04 24.89
C LYS A 29 2.95 3.21 25.36
N TRP A 30 3.48 4.42 25.17
CA TRP A 30 4.88 4.72 25.48
C TRP A 30 5.04 6.22 25.52
N ARG A 31 5.25 6.76 26.72
CA ARG A 31 5.35 8.21 26.95
C ARG A 31 4.12 8.95 26.40
N ALA A 32 2.94 8.41 26.71
CA ALA A 32 1.64 8.99 26.32
C ALA A 32 1.34 9.03 24.80
N LYS A 33 2.00 8.17 24.03
CA LYS A 33 1.78 8.07 22.58
C LYS A 33 1.39 6.63 22.24
N ASP A 34 0.30 6.48 21.47
CA ASP A 34 -0.11 5.17 20.95
C ASP A 34 1.00 4.62 20.05
N VAL A 35 1.40 3.38 20.30
CA VAL A 35 2.46 2.74 19.51
C VAL A 35 2.12 1.31 19.15
N ALA A 36 2.47 0.93 17.92
CA ALA A 36 2.50 -0.47 17.52
C ALA A 36 3.91 -0.95 17.82
N ILE A 37 4.00 -2.05 18.58
CA ILE A 37 5.29 -2.69 18.83
C ILE A 37 5.34 -4.05 18.12
N LYS A 38 6.43 -4.32 17.41
CA LYS A 38 6.65 -5.60 16.76
C LYS A 38 7.71 -6.38 17.54
N GLN A 39 7.24 -7.21 18.49
CA GLN A 39 8.13 -8.02 19.34
C GLN A 39 8.53 -9.32 18.67
N ILE A 40 9.80 -9.71 18.83
CA ILE A 40 10.30 -11.02 18.38
C ILE A 40 9.79 -12.12 19.33
N GLU A 41 9.57 -13.32 18.78
CA GLU A 41 9.06 -14.47 19.56
C GLU A 41 9.98 -15.72 19.57
N SER A 42 11.09 -15.68 18.82
CA SER A 42 12.18 -16.66 18.96
C SER A 42 13.52 -15.98 18.67
N GLU A 43 14.56 -16.37 19.43
CA GLU A 43 15.93 -15.83 19.24
C GLU A 43 16.50 -16.04 17.82
N SER A 44 15.93 -16.98 17.06
CA SER A 44 16.29 -17.23 15.65
C SER A 44 16.03 -16.08 14.68
N GLU A 45 15.08 -15.20 15.00
CA GLU A 45 14.55 -14.20 14.05
C GLU A 45 15.36 -12.89 13.93
N ARG A 46 16.45 -12.75 14.70
CA ARG A 46 17.19 -11.49 14.84
C ARG A 46 17.89 -10.96 13.58
N LYS A 47 18.31 -11.83 12.66
CA LYS A 47 18.98 -11.38 11.42
C LYS A 47 18.06 -10.52 10.55
N ALA A 48 16.79 -10.94 10.44
CA ALA A 48 15.76 -10.21 9.69
C ALA A 48 15.36 -8.90 10.37
N PHE A 49 15.25 -8.95 11.69
CA PHE A 49 14.96 -7.77 12.54
C PHE A 49 15.99 -6.64 12.38
N ILE A 50 17.27 -7.01 12.26
CA ILE A 50 18.36 -6.05 12.05
C ILE A 50 18.23 -5.35 10.69
N VAL A 51 17.86 -6.09 9.65
CA VAL A 51 17.69 -5.50 8.32
C VAL A 51 16.49 -4.56 8.35
N GLU A 52 15.40 -5.02 8.96
CA GLU A 52 14.20 -4.20 9.15
C GLU A 52 14.48 -2.95 9.97
N LEU A 53 15.26 -3.09 11.05
CA LEU A 53 15.61 -1.95 11.90
C LEU A 53 16.54 -0.98 11.19
N ARG A 54 17.49 -1.49 10.43
CA ARG A 54 18.40 -0.65 9.65
C ARG A 54 17.67 0.06 8.50
N GLN A 55 16.67 -0.61 7.90
CA GLN A 55 15.84 0.01 6.85
C GLN A 55 14.97 1.14 7.42
N LEU A 56 14.08 0.78 8.35
CA LEU A 56 13.18 1.74 9.03
C LEU A 56 13.86 2.99 9.62
N SER A 57 15.12 2.85 10.01
CA SER A 57 15.91 3.99 10.52
C SER A 57 16.30 4.99 9.42
N ARG A 58 16.59 4.48 8.23
CA ARG A 58 16.95 5.35 7.09
C ARG A 58 15.76 6.16 6.57
N VAL A 59 14.58 5.53 6.51
CA VAL A 59 13.40 6.17 5.90
C VAL A 59 12.75 7.17 6.86
N ASN A 60 12.37 8.32 6.29
CA ASN A 60 11.75 9.41 7.04
C ASN A 60 10.85 10.17 6.05
N HIS A 61 9.55 9.85 6.07
CA HIS A 61 8.59 10.41 5.12
C HIS A 61 7.18 10.39 5.73
N PRO A 62 6.31 11.36 5.34
CA PRO A 62 4.92 11.31 5.83
C PRO A 62 4.06 10.12 5.40
N ASN A 63 4.50 9.34 4.41
CA ASN A 63 3.72 8.23 3.85
C ASN A 63 4.42 6.89 3.99
N ILE A 64 5.36 6.81 4.93
CA ILE A 64 6.02 5.56 5.30
C ILE A 64 5.99 5.52 6.82
N VAL A 65 5.66 4.36 7.38
CA VAL A 65 5.43 4.24 8.81
C VAL A 65 6.65 4.70 9.61
N LYS A 66 6.40 5.46 10.69
CA LYS A 66 7.48 6.04 11.51
C LYS A 66 7.90 5.07 12.60
N LEU A 67 9.18 4.69 12.61
CA LEU A 67 9.79 4.02 13.76
C LEU A 67 10.13 5.09 14.77
N TYR A 68 9.65 4.93 16.00
CA TYR A 68 10.06 5.79 17.11
C TYR A 68 11.36 5.27 17.72
N GLY A 69 11.42 3.97 18.00
CA GLY A 69 12.62 3.36 18.53
C GLY A 69 12.61 1.84 18.51
N ALA A 70 13.46 1.25 19.33
CA ALA A 70 13.51 -0.20 19.47
C ALA A 70 14.13 -0.59 20.81
N CYS A 71 13.50 -1.54 21.51
CA CYS A 71 14.05 -2.12 22.74
C CYS A 71 14.92 -3.32 22.36
N LEU A 72 16.14 -3.38 22.90
CA LEU A 72 17.05 -4.50 22.66
C LEU A 72 16.90 -5.66 23.65
N ASN A 73 16.09 -5.48 24.72
CA ASN A 73 15.81 -6.54 25.72
C ASN A 73 14.39 -6.41 26.32
N PRO A 74 13.38 -7.15 25.83
CA PRO A 74 13.48 -8.07 24.68
C PRO A 74 13.45 -7.34 23.33
N VAL A 75 13.89 -8.02 22.27
CA VAL A 75 14.11 -7.40 20.96
C VAL A 75 12.77 -7.07 20.27
N CYS A 76 12.47 -5.77 20.14
CA CYS A 76 11.23 -5.30 19.51
C CYS A 76 11.36 -3.91 18.85
N LEU A 77 10.57 -3.69 17.78
CA LEU A 77 10.46 -2.38 17.10
C LEU A 77 9.30 -1.60 17.70
N VAL A 78 9.43 -0.27 17.75
CA VAL A 78 8.38 0.60 18.30
C VAL A 78 7.97 1.66 17.27
N MET A 79 6.81 1.45 16.65
CA MET A 79 6.30 2.32 15.58
C MET A 79 5.05 3.09 16.00
N GLU A 80 4.75 4.13 15.24
CA GLU A 80 3.51 4.88 15.37
C GLU A 80 2.34 3.97 15.01
N TYR A 81 1.36 3.88 15.91
CA TYR A 81 0.18 3.05 15.68
C TYR A 81 -0.72 3.69 14.65
N ALA A 82 -1.07 2.93 13.62
CA ALA A 82 -2.05 3.33 12.63
C ALA A 82 -3.39 2.77 13.06
N GLU A 83 -4.28 3.66 13.49
CA GLU A 83 -5.59 3.25 14.03
C GLU A 83 -6.50 2.60 12.98
N GLY A 84 -6.45 3.10 11.74
CA GLY A 84 -7.36 2.68 10.67
C GLY A 84 -7.22 1.26 10.13
N GLY A 85 -6.10 0.60 10.42
CA GLY A 85 -5.85 -0.73 9.89
C GLY A 85 -5.37 -0.66 8.45
N SER A 86 -5.37 -1.80 7.77
CA SER A 86 -4.85 -1.89 6.41
C SER A 86 -5.84 -1.28 5.42
N LEU A 87 -5.32 -0.81 4.28
CA LEU A 87 -6.15 -0.51 3.13
C LEU A 87 -6.89 -1.76 2.68
N TYR A 88 -6.23 -2.92 2.74
CA TYR A 88 -6.88 -4.19 2.39
C TYR A 88 -8.17 -4.35 3.16
N ASN A 89 -8.15 -4.02 4.44
CA ASN A 89 -9.32 -4.21 5.31
C ASN A 89 -10.42 -3.20 5.00
N VAL A 90 -10.07 -1.94 4.76
CA VAL A 90 -11.03 -0.93 4.36
C VAL A 90 -11.71 -1.31 3.05
N LEU A 91 -10.94 -1.80 2.09
CA LEU A 91 -11.51 -2.23 0.80
C LEU A 91 -12.38 -3.48 0.92
N HIS A 92 -11.76 -4.53 1.45
CA HIS A 92 -12.29 -5.90 1.34
C HIS A 92 -12.63 -6.57 2.68
N GLY A 93 -12.41 -5.89 3.80
CA GLY A 93 -12.45 -6.52 5.12
C GLY A 93 -13.84 -6.88 5.60
N ALA A 94 -13.98 -6.99 6.91
CA ALA A 94 -15.24 -7.43 7.51
C ALA A 94 -16.27 -6.29 7.43
N GLU A 95 -17.50 -6.67 7.13
CA GLU A 95 -18.61 -5.72 7.07
C GLU A 95 -18.94 -5.30 8.52
N PRO A 96 -19.38 -4.06 8.75
CA PRO A 96 -19.69 -3.06 7.74
C PRO A 96 -18.44 -2.30 7.23
N LEU A 97 -18.27 -2.28 5.92
CA LEU A 97 -17.17 -1.56 5.27
C LEU A 97 -17.52 -0.10 5.05
N PRO A 98 -16.51 0.78 5.09
CA PRO A 98 -16.79 2.19 4.88
C PRO A 98 -16.99 2.56 3.40
N TYR A 99 -17.91 3.49 3.17
CA TYR A 99 -18.01 4.21 1.91
C TYR A 99 -16.75 5.06 1.69
N TYR A 100 -16.34 5.13 0.43
CA TYR A 100 -15.33 6.07 0.00
C TYR A 100 -15.58 6.50 -1.44
N THR A 101 -14.83 7.52 -1.84
CA THR A 101 -15.07 8.31 -3.02
C THR A 101 -13.91 8.17 -3.98
N ALA A 102 -14.12 8.60 -5.22
CA ALA A 102 -13.04 8.64 -6.19
C ALA A 102 -11.88 9.46 -5.65
N ALA A 103 -12.19 10.57 -4.95
CA ALA A 103 -11.17 11.44 -4.32
C ALA A 103 -10.32 10.68 -3.34
N HIS A 104 -10.94 9.83 -2.53
CA HIS A 104 -10.21 8.97 -1.61
C HIS A 104 -9.35 7.99 -2.38
N ALA A 105 -9.93 7.31 -3.37
CA ALA A 105 -9.20 6.34 -4.17
C ALA A 105 -7.95 6.97 -4.78
N MET A 106 -8.07 8.16 -5.32
CA MET A 106 -6.95 8.85 -5.93
C MET A 106 -5.92 9.33 -4.90
N SER A 107 -6.40 9.82 -3.76
CA SER A 107 -5.53 10.31 -2.70
C SER A 107 -4.69 9.22 -2.06
N TRP A 108 -5.27 8.05 -1.87
CA TRP A 108 -4.53 6.89 -1.38
C TRP A 108 -3.41 6.49 -2.34
N CYS A 109 -3.77 6.38 -3.62
CA CYS A 109 -2.80 6.07 -4.68
C CYS A 109 -1.73 7.14 -4.86
N LEU A 110 -2.11 8.41 -4.72
CA LEU A 110 -1.13 9.49 -4.76
C LEU A 110 -0.16 9.35 -3.60
N GLN A 111 -0.70 9.24 -2.40
CA GLN A 111 0.14 9.14 -1.20
C GLN A 111 1.06 7.96 -1.23
N CYS A 112 0.57 6.83 -1.75
CA CYS A 112 1.41 5.64 -1.91
C CYS A 112 2.56 5.92 -2.90
N SER A 113 2.25 6.57 -4.02
CA SER A 113 3.28 6.90 -5.00
C SER A 113 4.32 7.87 -4.42
N GLN A 114 3.89 8.85 -3.64
CA GLN A 114 4.81 9.76 -2.95
C GLN A 114 5.81 9.02 -2.04
N GLY A 115 5.32 8.00 -1.34
CA GLY A 115 6.15 7.23 -0.44
C GLY A 115 7.14 6.35 -1.20
N VAL A 116 6.67 5.71 -2.26
CA VAL A 116 7.53 4.83 -3.06
C VAL A 116 8.57 5.66 -3.82
N ALA A 117 8.16 6.82 -4.34
CA ALA A 117 9.07 7.74 -5.02
C ALA A 117 10.19 8.20 -4.08
N TYR A 118 9.88 8.37 -2.79
CA TYR A 118 10.89 8.64 -1.76
C TYR A 118 11.90 7.50 -1.63
N LEU A 119 11.39 6.27 -1.53
CA LEU A 119 12.26 5.08 -1.47
C LEU A 119 13.17 4.99 -2.69
N HIS A 120 12.61 5.24 -3.87
CA HIS A 120 13.34 5.12 -5.12
C HIS A 120 14.41 6.19 -5.33
N SER A 121 14.20 7.36 -4.71
CA SER A 121 15.13 8.49 -4.85
C SER A 121 16.17 8.55 -3.72
N MET A 122 16.41 7.43 -3.04
CA MET A 122 17.23 7.42 -1.83
C MET A 122 18.68 7.21 -2.22
N GLN A 123 19.59 7.66 -1.36
CA GLN A 123 21.03 7.55 -1.62
C GLN A 123 21.83 7.14 -0.37
N PRO A 124 22.96 6.45 -0.51
CA PRO A 124 23.63 6.17 -1.80
C PRO A 124 22.95 5.19 -2.76
N LYS A 125 22.15 4.27 -2.22
CA LYS A 125 21.50 3.22 -3.03
C LYS A 125 19.99 3.30 -2.88
N ALA A 126 19.28 3.20 -4.01
CA ALA A 126 17.83 3.32 -4.03
C ALA A 126 17.17 2.10 -3.43
N LEU A 127 16.23 2.30 -2.52
CA LEU A 127 15.42 1.23 -1.95
C LEU A 127 14.26 0.88 -2.87
N ILE A 128 13.92 -0.41 -2.88
CA ILE A 128 12.81 -0.96 -3.64
C ILE A 128 11.95 -1.74 -2.67
N HIS A 129 10.63 -1.52 -2.70
CA HIS A 129 9.71 -2.22 -1.78
C HIS A 129 9.53 -3.70 -2.13
N ARG A 130 9.29 -3.99 -3.41
CA ARG A 130 9.16 -5.36 -3.92
C ARG A 130 7.99 -6.17 -3.33
N ASP A 131 7.08 -5.51 -2.63
CA ASP A 131 5.93 -6.17 -2.00
C ASP A 131 4.86 -5.15 -1.66
N LEU A 132 4.56 -4.30 -2.64
CA LEU A 132 3.62 -3.21 -2.49
C LEU A 132 2.24 -3.75 -2.80
N LYS A 133 1.34 -3.64 -1.84
CA LYS A 133 -0.01 -4.22 -1.94
C LYS A 133 -0.83 -3.72 -0.77
N PRO A 134 -2.17 -3.74 -0.88
CA PRO A 134 -2.96 -3.10 0.17
C PRO A 134 -2.81 -3.63 1.61
N PRO A 135 -2.49 -4.92 1.80
CA PRO A 135 -2.20 -5.38 3.17
C PRO A 135 -1.02 -4.67 3.85
N ASN A 136 -0.08 -4.19 3.04
CA ASN A 136 1.07 -3.40 3.52
C ASN A 136 0.83 -1.90 3.43
N LEU A 137 -0.40 -1.46 3.29
CA LEU A 137 -0.72 -0.04 3.30
C LEU A 137 -1.64 0.18 4.48
N LEU A 138 -1.20 1.02 5.42
CA LEU A 138 -1.95 1.35 6.63
C LEU A 138 -2.55 2.74 6.49
N LEU A 139 -3.71 2.94 7.13
CA LEU A 139 -4.42 4.21 7.07
C LEU A 139 -4.49 4.85 8.45
N VAL A 140 -4.40 6.18 8.46
CA VAL A 140 -4.52 7.00 9.68
C VAL A 140 -5.33 8.25 9.38
N ALA A 141 -5.59 9.06 10.41
CA ALA A 141 -6.34 10.30 10.28
C ALA A 141 -7.72 10.09 9.65
N GLY A 142 -8.48 9.14 10.19
CA GLY A 142 -9.82 8.84 9.70
C GLY A 142 -9.88 8.26 8.30
N GLY A 143 -8.84 7.52 7.92
CA GLY A 143 -8.75 6.89 6.59
C GLY A 143 -8.24 7.79 5.47
N THR A 144 -7.76 8.98 5.82
CA THR A 144 -7.35 9.96 4.82
C THR A 144 -5.85 10.00 4.55
N VAL A 145 -5.05 9.48 5.47
CA VAL A 145 -3.62 9.46 5.31
C VAL A 145 -3.14 8.02 5.21
N LEU A 146 -2.37 7.73 4.16
CA LEU A 146 -1.88 6.40 3.90
C LEU A 146 -0.40 6.33 4.21
N LYS A 147 0.02 5.19 4.77
CA LYS A 147 1.39 4.96 5.19
C LYS A 147 1.84 3.60 4.67
N ILE A 148 2.93 3.59 3.90
CA ILE A 148 3.52 2.35 3.43
C ILE A 148 4.24 1.67 4.58
N CYS A 149 4.14 0.34 4.63
CA CYS A 149 4.86 -0.49 5.59
C CYS A 149 5.24 -1.79 4.91
N ASP A 150 5.76 -2.74 5.67
CA ASP A 150 6.00 -4.09 5.17
C ASP A 150 5.92 -5.09 6.31
N PHE A 151 4.82 -5.84 6.37
CA PHE A 151 4.65 -6.92 7.33
C PHE A 151 5.58 -8.11 7.04
N GLY A 152 6.07 -8.21 5.80
CA GLY A 152 7.00 -9.27 5.41
C GLY A 152 6.26 -10.52 5.00
N THR A 153 6.93 -11.37 4.20
CA THR A 153 6.36 -12.65 3.76
C THR A 153 7.26 -13.80 4.22
N ALA A 154 6.63 -14.96 4.47
CA ALA A 154 7.32 -16.12 5.05
C ALA A 154 8.24 -16.82 4.05
N CYS A 155 7.66 -17.27 2.93
CA CYS A 155 8.38 -18.06 1.91
C CYS A 155 7.98 -17.64 0.50
N GLY A 166 -1.73 -12.35 -0.04
CA GLY A 166 -0.77 -13.18 -0.78
C GLY A 166 -0.33 -12.45 -2.04
N SER A 167 0.97 -12.23 -2.19
CA SER A 167 1.49 -11.20 -3.09
C SER A 167 1.37 -11.42 -4.61
N ALA A 168 0.96 -12.60 -5.06
CA ALA A 168 0.97 -12.93 -6.49
C ALA A 168 0.20 -11.93 -7.36
N ALA A 169 -0.94 -11.45 -6.87
CA ALA A 169 -1.82 -10.53 -7.60
C ALA A 169 -1.17 -9.18 -7.92
N TRP A 170 -0.31 -8.70 -7.03
CA TRP A 170 0.36 -7.40 -7.18
C TRP A 170 1.80 -7.49 -7.67
N MET A 171 2.26 -8.69 -7.98
CA MET A 171 3.66 -8.95 -8.29
C MET A 171 3.91 -8.80 -9.79
N ALA A 172 4.94 -8.02 -10.13
CA ALA A 172 5.39 -7.85 -11.51
C ALA A 172 5.86 -9.18 -12.11
N PRO A 173 5.58 -9.42 -13.41
CA PRO A 173 5.98 -10.69 -14.00
C PRO A 173 7.48 -10.99 -13.94
N GLU A 174 8.32 -9.99 -14.19
CA GLU A 174 9.77 -10.17 -14.11
C GLU A 174 10.30 -10.57 -12.71
N VAL A 175 9.58 -10.22 -11.65
CA VAL A 175 9.98 -10.59 -10.30
C VAL A 175 9.75 -12.08 -10.11
N PHE A 176 8.50 -12.51 -10.24
CA PHE A 176 8.16 -13.91 -9.98
C PHE A 176 8.72 -14.93 -10.99
N GLU A 177 9.12 -14.45 -12.17
CA GLU A 177 9.83 -15.29 -13.14
C GLU A 177 11.35 -15.41 -12.86
N GLY A 178 11.84 -14.78 -11.78
CA GLY A 178 13.24 -14.89 -11.39
C GLY A 178 14.22 -14.20 -12.34
N SER A 179 13.80 -13.08 -12.92
CA SER A 179 14.69 -12.23 -13.72
C SER A 179 15.41 -11.26 -12.80
N ASN A 180 16.30 -10.46 -13.40
CA ASN A 180 16.74 -9.20 -12.79
C ASN A 180 15.54 -8.27 -12.77
N TYR A 181 15.03 -7.97 -11.58
CA TYR A 181 14.00 -6.93 -11.42
C TYR A 181 14.69 -5.60 -11.09
N SER A 182 13.90 -4.52 -11.09
CA SER A 182 14.38 -3.20 -10.71
C SER A 182 13.34 -2.52 -9.81
N GLU A 183 13.46 -1.21 -9.61
CA GLU A 183 12.38 -0.45 -8.96
C GLU A 183 11.11 -0.30 -9.82
N LYS A 184 11.15 -0.65 -11.10
CA LYS A 184 9.92 -0.68 -11.91
C LYS A 184 8.93 -1.77 -11.53
N CYS A 185 9.32 -2.73 -10.69
CA CYS A 185 8.36 -3.73 -10.19
C CYS A 185 7.34 -3.10 -9.23
N ASP A 186 7.76 -2.10 -8.46
CA ASP A 186 6.85 -1.33 -7.59
C ASP A 186 5.79 -0.57 -8.38
N VAL A 187 6.18 -0.06 -9.54
CA VAL A 187 5.27 0.63 -10.45
C VAL A 187 4.16 -0.31 -10.94
N PHE A 188 4.53 -1.53 -11.30
CA PHE A 188 3.54 -2.53 -11.66
C PHE A 188 2.51 -2.73 -10.56
N SER A 189 3.00 -2.99 -9.35
CA SER A 189 2.16 -3.18 -8.17
C SER A 189 1.20 -2.03 -8.01
N TRP A 190 1.72 -0.82 -8.11
CA TRP A 190 0.91 0.40 -7.96
C TRP A 190 -0.23 0.44 -9.00
N GLY A 191 0.07 0.12 -10.24
CA GLY A 191 -0.96 -0.05 -11.27
C GLY A 191 -2.12 -0.96 -10.86
N ILE A 192 -1.80 -2.08 -10.21
CA ILE A 192 -2.82 -3.01 -9.74
C ILE A 192 -3.61 -2.45 -8.54
N ILE A 193 -2.91 -1.78 -7.63
CA ILE A 193 -3.56 -1.15 -6.48
C ILE A 193 -4.57 -0.08 -6.93
N LEU A 194 -4.20 0.69 -7.94
CA LEU A 194 -5.06 1.73 -8.51
C LEU A 194 -6.36 1.18 -9.06
N TRP A 195 -6.25 0.07 -9.78
CA TRP A 195 -7.41 -0.65 -10.29
C TRP A 195 -8.28 -1.17 -9.14
N GLU A 196 -7.61 -1.65 -8.10
CA GLU A 196 -8.27 -2.26 -6.96
C GLU A 196 -9.09 -1.26 -6.14
N VAL A 197 -8.54 -0.09 -5.86
CA VAL A 197 -9.25 0.94 -5.10
C VAL A 197 -10.36 1.59 -5.91
N ILE A 198 -10.19 1.70 -7.23
CA ILE A 198 -11.23 2.23 -8.11
C ILE A 198 -12.40 1.26 -8.23
N THR A 199 -12.14 -0.04 -8.40
CA THR A 199 -13.19 -1.05 -8.59
C THR A 199 -13.70 -1.69 -7.31
N ARG A 200 -12.92 -1.60 -6.23
CA ARG A 200 -13.17 -2.34 -4.97
C ARG A 200 -13.33 -3.85 -5.20
N ARG A 201 -12.54 -4.38 -6.12
CA ARG A 201 -12.51 -5.81 -6.41
C ARG A 201 -11.12 -6.31 -6.10
N LYS A 202 -11.00 -7.54 -5.63
CA LYS A 202 -9.70 -8.17 -5.43
C LYS A 202 -9.17 -8.55 -6.81
N PRO A 203 -7.95 -8.14 -7.17
CA PRO A 203 -7.42 -8.52 -8.48
C PRO A 203 -7.30 -10.04 -8.62
N PHE A 204 -7.91 -10.57 -9.69
CA PHE A 204 -7.92 -12.00 -10.00
C PHE A 204 -8.63 -12.86 -8.94
N ASP A 205 -9.94 -12.65 -8.85
CA ASP A 205 -10.86 -13.64 -8.27
C ASP A 205 -11.61 -14.40 -9.36
N GLU A 206 -11.72 -13.81 -10.56
CA GLU A 206 -12.13 -14.54 -11.77
C GLU A 206 -11.22 -15.75 -12.01
N ILE A 207 -9.93 -15.60 -11.71
CA ILE A 207 -8.94 -16.67 -11.81
C ILE A 207 -9.11 -17.70 -10.68
N GLY A 208 -8.74 -17.30 -9.47
CA GLY A 208 -8.84 -18.18 -8.31
C GLY A 208 -7.88 -19.36 -8.34
N GLY A 209 -8.18 -20.36 -7.52
CA GLY A 209 -7.28 -21.49 -7.29
C GLY A 209 -5.96 -21.05 -6.66
N PRO A 210 -4.93 -21.92 -6.69
CA PRO A 210 -3.60 -21.57 -6.19
C PRO A 210 -2.92 -20.38 -6.86
N ALA A 211 -1.84 -19.89 -6.25
CA ALA A 211 -1.19 -18.62 -6.64
C ALA A 211 -0.43 -18.69 -7.96
N PHE A 212 0.17 -19.84 -8.25
CA PHE A 212 0.84 -20.08 -9.54
C PHE A 212 -0.09 -19.95 -10.76
N ARG A 213 -1.41 -20.05 -10.54
CA ARG A 213 -2.40 -19.79 -11.60
C ARG A 213 -2.39 -18.33 -12.00
N ILE A 214 -2.32 -17.45 -11.00
CA ILE A 214 -2.25 -16.01 -11.24
C ILE A 214 -0.93 -15.67 -11.92
N MET A 215 0.16 -16.25 -11.44
CA MET A 215 1.49 -15.98 -12.01
C MET A 215 1.53 -16.36 -13.47
N TRP A 216 1.03 -17.56 -13.76
CA TRP A 216 0.90 -18.05 -15.13
C TRP A 216 0.06 -17.11 -15.97
N ALA A 217 -1.10 -16.71 -15.44
CA ALA A 217 -2.02 -15.84 -16.17
C ALA A 217 -1.34 -14.52 -16.53
N VAL A 218 -0.78 -13.88 -15.53
CA VAL A 218 -0.08 -12.60 -15.69
C VAL A 218 1.12 -12.71 -16.63
N HIS A 219 1.89 -13.79 -16.50
CA HIS A 219 3.03 -14.05 -17.38
C HIS A 219 2.66 -14.18 -18.88
N ASN A 220 1.44 -14.66 -19.15
CA ASN A 220 0.91 -14.77 -20.52
C ASN A 220 0.20 -13.50 -21.01
N GLY A 221 0.27 -12.42 -20.22
CA GLY A 221 -0.32 -11.15 -20.60
C GLY A 221 -1.62 -10.76 -19.90
N THR A 222 -2.24 -11.69 -19.16
CA THR A 222 -3.52 -11.39 -18.49
C THR A 222 -3.38 -10.27 -17.48
N ARG A 223 -4.23 -9.26 -17.60
CA ARG A 223 -4.27 -8.15 -16.66
C ARG A 223 -5.68 -8.04 -16.10
N PRO A 224 -5.89 -7.13 -15.14
CA PRO A 224 -7.27 -6.95 -14.70
C PRO A 224 -8.10 -6.35 -15.81
N PRO A 225 -9.43 -6.56 -15.79
CA PRO A 225 -10.28 -6.02 -16.85
C PRO A 225 -10.36 -4.51 -16.79
N LEU A 226 -10.62 -3.89 -17.93
CA LEU A 226 -10.78 -2.44 -18.01
C LEU A 226 -12.10 -2.01 -17.38
N ILE A 227 -12.21 -0.71 -17.12
CA ILE A 227 -13.25 -0.17 -16.25
C ILE A 227 -14.15 0.73 -17.09
N LYS A 228 -15.46 0.49 -17.01
CA LYS A 228 -16.45 1.28 -17.74
C LYS A 228 -16.45 2.72 -17.25
N ASN A 229 -16.32 3.66 -18.18
CA ASN A 229 -16.40 5.10 -17.91
C ASN A 229 -15.19 5.64 -17.09
N LEU A 230 -14.04 4.96 -17.19
CA LEU A 230 -12.84 5.44 -16.53
C LEU A 230 -12.25 6.53 -17.40
N PRO A 231 -11.91 7.70 -16.82
CA PRO A 231 -11.21 8.75 -17.55
C PRO A 231 -9.98 8.25 -18.29
N LYS A 232 -9.97 8.44 -19.61
CA LYS A 232 -8.87 8.02 -20.50
C LYS A 232 -7.45 8.31 -19.93
N PRO A 233 -7.23 9.50 -19.33
CA PRO A 233 -5.92 9.73 -18.69
C PRO A 233 -5.56 8.72 -17.59
N ILE A 234 -6.53 8.38 -16.75
CA ILE A 234 -6.30 7.44 -15.64
C ILE A 234 -6.10 6.02 -16.19
N GLU A 235 -6.79 5.69 -17.26
CA GLU A 235 -6.58 4.43 -17.96
C GLU A 235 -5.19 4.35 -18.61
N SER A 236 -4.73 5.45 -19.22
CA SER A 236 -3.40 5.51 -19.84
C SER A 236 -2.34 5.19 -18.83
N LEU A 237 -2.41 5.86 -17.67
CA LEU A 237 -1.45 5.68 -16.60
C LEU A 237 -1.47 4.25 -16.07
N MET A 238 -2.67 3.78 -15.73
CA MET A 238 -2.85 2.44 -15.18
C MET A 238 -2.25 1.37 -16.09
N THR A 239 -2.56 1.44 -17.38
CA THR A 239 -2.16 0.41 -18.34
C THR A 239 -0.70 0.48 -18.77
N ARG A 240 -0.07 1.65 -18.64
CA ARG A 240 1.38 1.75 -18.80
C ARG A 240 2.09 1.01 -17.68
N CYS A 241 1.60 1.16 -16.45
CA CYS A 241 2.16 0.48 -15.27
C CYS A 241 2.04 -1.05 -15.34
N TRP A 242 1.04 -1.55 -16.04
CA TRP A 242 0.86 -2.99 -16.27
C TRP A 242 1.80 -3.60 -17.30
N SER A 243 2.50 -2.78 -18.09
CA SER A 243 3.32 -3.25 -19.20
C SER A 243 4.27 -4.40 -18.84
N LYS A 244 4.33 -5.41 -19.71
CA LYS A 244 5.31 -6.52 -19.58
C LYS A 244 6.72 -5.93 -19.48
N ASP A 245 7.07 -5.07 -20.44
CA ASP A 245 8.39 -4.47 -20.50
C ASP A 245 8.54 -3.41 -19.41
N PRO A 246 9.40 -3.66 -18.40
CA PRO A 246 9.62 -2.70 -17.31
C PRO A 246 10.02 -1.28 -17.74
N SER A 247 10.75 -1.17 -18.84
CA SER A 247 11.24 0.12 -19.33
C SER A 247 10.12 1.02 -19.88
N GLN A 248 8.99 0.42 -20.28
CA GLN A 248 7.81 1.16 -20.74
C GLN A 248 6.90 1.68 -19.62
N ARG A 249 7.08 1.20 -18.39
CA ARG A 249 6.32 1.71 -17.24
C ARG A 249 6.86 3.06 -16.82
N PRO A 250 5.99 3.98 -16.39
CA PRO A 250 6.47 5.27 -15.89
C PRO A 250 7.27 5.13 -14.61
N SER A 251 8.10 6.12 -14.29
CA SER A 251 8.75 6.17 -12.99
C SER A 251 7.77 6.71 -11.94
N MET A 252 8.06 6.48 -10.68
CA MET A 252 7.24 7.03 -9.60
C MET A 252 7.25 8.56 -9.56
N GLU A 253 8.40 9.15 -9.87
CA GLU A 253 8.52 10.61 -10.02
C GLU A 253 7.43 11.13 -10.97
N GLU A 254 7.22 10.41 -12.08
CA GLU A 254 6.22 10.76 -13.07
C GLU A 254 4.80 10.51 -12.59
N ILE A 255 4.59 9.37 -11.93
CA ILE A 255 3.27 9.06 -11.37
C ILE A 255 2.87 10.12 -10.35
N VAL A 256 3.77 10.43 -9.40
CA VAL A 256 3.51 11.47 -8.41
C VAL A 256 3.12 12.79 -9.06
N LYS A 257 3.85 13.21 -10.09
CA LYS A 257 3.56 14.50 -10.77
C LYS A 257 2.17 14.47 -11.40
N ILE A 258 1.86 13.42 -12.16
CA ILE A 258 0.56 13.27 -12.80
C ILE A 258 -0.56 13.24 -11.77
N MET A 259 -0.43 12.37 -10.77
CA MET A 259 -1.47 12.17 -9.78
C MET A 259 -1.70 13.43 -8.95
N THR A 260 -0.62 14.09 -8.56
CA THR A 260 -0.69 15.40 -7.91
C THR A 260 -1.56 16.37 -8.70
N HIS A 261 -1.37 16.39 -10.02
CA HIS A 261 -2.12 17.28 -10.89
C HIS A 261 -3.56 16.86 -11.14
N LEU A 262 -3.82 15.56 -11.21
CA LEU A 262 -5.20 15.07 -11.31
C LEU A 262 -6.05 15.36 -10.07
N MET A 263 -5.41 15.56 -8.90
CA MET A 263 -6.16 15.87 -7.67
C MET A 263 -6.99 17.16 -7.73
N ARG A 264 -6.64 18.07 -8.61
CA ARG A 264 -7.49 19.22 -8.96
C ARG A 264 -8.95 18.82 -9.28
N TYR A 265 -9.12 17.68 -9.90
CA TYR A 265 -10.43 17.16 -10.32
C TYR A 265 -10.99 16.10 -9.38
N PHE A 266 -10.50 16.09 -8.15
CA PHE A 266 -10.86 15.09 -7.16
C PHE A 266 -10.78 15.73 -5.77
N PRO A 267 -11.64 16.72 -5.50
CA PRO A 267 -11.66 17.34 -4.17
C PRO A 267 -12.40 16.45 -3.16
N GLY A 268 -12.17 16.68 -1.87
CA GLY A 268 -12.83 15.94 -0.78
C GLY A 268 -12.09 14.73 -0.24
N ALA A 269 -10.78 14.67 -0.48
CA ALA A 269 -9.97 13.56 -0.05
C ALA A 269 -9.68 13.61 1.46
N ASP A 270 -9.76 14.80 2.03
CA ASP A 270 -9.60 15.02 3.47
C ASP A 270 -10.85 14.70 4.33
N GLU A 271 -11.99 14.41 3.71
CA GLU A 271 -13.17 13.98 4.47
C GLU A 271 -12.93 12.58 5.04
N PRO A 272 -13.03 12.41 6.38
CA PRO A 272 -12.78 11.08 6.94
C PRO A 272 -13.78 10.04 6.44
N LEU A 273 -13.39 8.77 6.47
CA LEU A 273 -14.32 7.69 6.16
C LEU A 273 -15.26 7.53 7.35
N GLN A 274 -16.54 7.80 7.13
CA GLN A 274 -17.53 7.79 8.22
C GLN A 274 -18.91 7.27 7.89
N TYR A 275 -19.24 7.09 6.61
CA TYR A 275 -20.54 6.61 6.17
C TYR A 275 -20.42 5.12 5.88
N PRO A 276 -21.52 4.36 6.02
CA PRO A 276 -21.45 2.93 5.75
C PRO A 276 -21.82 2.62 4.30
N CYS A 277 -21.66 1.36 3.92
CA CYS A 277 -21.80 0.92 2.54
C CYS A 277 -22.28 -0.53 2.49
N GLN A 278 -23.17 -0.82 1.55
CA GLN A 278 -23.72 -2.16 1.35
C GLN A 278 -23.45 -2.58 -0.10
N HIS A 279 -23.13 -3.85 -0.31
CA HIS A 279 -22.39 -4.30 -1.50
C HIS A 279 -23.02 -5.38 -2.39
N SER A 280 -22.77 -5.24 -3.70
CA SER A 280 -23.05 -6.26 -4.71
C SER A 280 -21.94 -6.25 -5.76
N LEU A 281 -21.86 -7.31 -6.56
CA LEU A 281 -20.81 -7.46 -7.59
C LEU A 281 -21.37 -8.08 -8.87
N PRO A 282 -21.45 -7.31 -9.99
CA PRO A 282 -21.92 -7.84 -11.30
C PRO A 282 -21.09 -8.98 -11.93
N GLY A 287 -16.82 -8.11 -20.76
CA GLY A 287 -15.42 -7.71 -20.85
C GLY A 287 -14.98 -6.80 -19.72
N ARG A 288 -15.73 -5.71 -19.52
CA ARG A 288 -15.38 -4.63 -18.57
C ARG A 288 -16.06 -4.79 -17.21
N VAL A 289 -15.76 -3.88 -16.28
CA VAL A 289 -16.34 -3.86 -14.93
C VAL A 289 -16.70 -2.45 -14.51
N GLU A 290 -17.73 -2.31 -13.71
CA GLU A 290 -18.16 -1.00 -13.21
C GLU A 290 -17.20 -0.55 -12.12
N PRO A 291 -16.82 0.74 -12.12
CA PRO A 291 -16.07 1.23 -10.97
C PRO A 291 -16.95 1.34 -9.74
N TYR A 292 -16.37 1.10 -8.58
CA TYR A 292 -17.06 1.32 -7.31
C TYR A 292 -17.28 2.82 -7.13
N VAL A 293 -16.20 3.59 -7.23
CA VAL A 293 -16.28 5.06 -7.16
C VAL A 293 -16.96 5.64 -8.40
N ASP A 294 -17.30 6.92 -8.32
CA ASP A 294 -18.11 7.62 -9.32
C ASP A 294 -17.29 8.76 -9.92
N PHE A 295 -17.24 8.82 -11.26
CA PHE A 295 -16.44 9.82 -11.98
C PHE A 295 -17.24 10.99 -12.60
N ALA A 296 -18.53 11.08 -12.29
CA ALA A 296 -19.36 12.17 -12.79
C ALA A 296 -18.76 13.54 -12.48
N GLU A 297 -18.39 13.76 -11.22
CA GLU A 297 -17.82 15.04 -10.80
C GLU A 297 -16.46 15.31 -11.44
N PHE A 298 -15.68 14.26 -11.70
CA PHE A 298 -14.40 14.44 -12.40
C PHE A 298 -14.66 15.07 -13.75
N TYR A 299 -15.45 14.38 -14.56
CA TYR A 299 -15.82 14.85 -15.91
C TYR A 299 -16.45 16.24 -15.88
N ARG A 300 -17.24 16.52 -14.85
CA ARG A 300 -17.86 17.82 -14.67
C ARG A 300 -16.78 18.89 -14.46
N LEU A 301 -15.92 18.70 -13.47
CA LEU A 301 -14.82 19.64 -13.18
C LEU A 301 -13.80 19.78 -14.32
N TRP A 302 -13.60 18.69 -15.05
CA TRP A 302 -12.65 18.64 -16.16
C TRP A 302 -13.09 19.58 -17.25
N SER A 303 -14.32 19.41 -17.73
CA SER A 303 -14.86 20.21 -18.84
C SER A 303 -14.96 21.70 -18.51
N VAL A 304 -15.11 22.05 -17.24
CA VAL A 304 -15.06 23.44 -16.81
C VAL A 304 -13.69 24.09 -17.10
N ASP A 305 -12.61 23.30 -17.05
CA ASP A 305 -11.27 23.78 -17.42
C ASP A 305 -10.96 23.71 -18.90
N HIS A 306 -11.46 22.69 -19.60
CA HIS A 306 -11.00 22.39 -20.96
C HIS A 306 -12.00 22.81 -22.06
#